data_2VI0
#
_entry.id   2VI0
#
_cell.length_a   49.578
_cell.length_b   62.648
_cell.length_c   79.067
_cell.angle_alpha   90.00
_cell.angle_beta   90.00
_cell.angle_gamma   90.00
#
_symmetry.space_group_name_H-M   'P 21 21 21'
#
loop_
_entity.id
_entity.type
_entity.pdbx_description
1 polymer 'Endoglucanase H'
2 branched beta-D-glucopyranose-(1-4)-beta-D-glucopyranose
3 branched '4-thio-beta-D-glucopyranose-(1-4)-methyl beta-D-glucopyranoside'
4 water water
#
_entity_poly.entity_id   1
_entity_poly.type   'polypeptide(L)'
_entity_poly.pdbx_seq_one_letter_code
;MASNYNSGLKIGAWVGTQPSESAIKSFQELQGRKLDIVHQFINWSTDFSWVRPYADAVYNNGSILMITWEPWEYNTVDIK
NGKADAYITRMAQDMKAYGKEIWLRPLHEANGDWYPWAIGYSSRVNTNETYIAAFRHIVDIFRANGATNVKWVFNVNCDN
VGNGTSYLGHYPGDNYVDYTSIDGYNWGTTQSWGSQWQSFDQVFSRAYQALASINKPIIIAEFASAEIGGNKARWITEAY
NSIRTSYNKVIAAVWFHENKETDWRINSSPGALAAYREAIGA
;
_entity_poly.pdbx_strand_id   A
#
loop_
_chem_comp.id
_chem_comp.type
_chem_comp.name
_chem_comp.formula
BGC D-saccharide, beta linking beta-D-glucopyranose 'C6 H12 O6'
MGL D-saccharide 'methyl beta-D-glucopyranoside' 'C7 H14 O6'
SGC D-saccharide, beta linking 4-thio-beta-D-glucopyranose 'C6 H12 O5 S'
#
# COMPACT_ATOMS: atom_id res chain seq x y z
N GLY A 8 -10.95 0.81 -15.86
CA GLY A 8 -11.28 -0.60 -15.42
C GLY A 8 -10.50 -0.92 -14.14
N LEU A 9 -11.19 -0.97 -13.01
CA LEU A 9 -10.59 -1.07 -11.69
C LEU A 9 -9.62 -2.25 -11.64
N LYS A 10 -8.35 -1.98 -11.30
CA LYS A 10 -7.38 -3.06 -11.12
C LYS A 10 -7.53 -3.72 -9.77
N ILE A 11 -7.43 -5.05 -9.77
CA ILE A 11 -7.65 -5.85 -8.56
C ILE A 11 -6.29 -6.39 -8.11
N GLY A 12 -5.94 -6.13 -6.86
CA GLY A 12 -4.69 -6.59 -6.32
C GLY A 12 -4.86 -7.23 -4.96
N ALA A 13 -3.77 -7.82 -4.47
CA ALA A 13 -3.73 -8.26 -3.06
C ALA A 13 -2.31 -8.45 -2.57
N TRP A 14 -2.13 -8.26 -1.26
CA TRP A 14 -1.10 -8.97 -0.47
C TRP A 14 -1.79 -10.30 -0.16
N VAL A 15 -1.16 -11.41 -0.56
CA VAL A 15 -1.85 -12.70 -0.46
C VAL A 15 -1.64 -13.49 0.87
N GLY A 16 -1.12 -12.79 1.89
CA GLY A 16 -0.90 -13.35 3.22
C GLY A 16 0.51 -13.90 3.44
N THR A 17 1.26 -14.03 2.35
CA THR A 17 2.62 -14.48 2.42
C THR A 17 3.37 -13.85 1.26
N GLN A 18 4.68 -13.99 1.24
CA GLN A 18 5.45 -13.48 0.09
C GLN A 18 4.93 -14.17 -1.18
N PRO A 19 4.87 -13.43 -2.31
CA PRO A 19 4.15 -13.90 -3.51
C PRO A 19 4.98 -14.83 -4.40
N SER A 20 5.17 -16.05 -3.90
CA SER A 20 5.70 -17.14 -4.72
C SER A 20 4.69 -17.42 -5.85
N GLU A 21 5.14 -18.09 -6.90
CA GLU A 21 4.26 -18.57 -7.95
C GLU A 21 3.00 -19.24 -7.37
N SER A 22 3.22 -20.15 -6.43
CA SER A 22 2.11 -20.92 -5.90
C SER A 22 1.17 -20.06 -5.09
N ALA A 23 1.73 -19.08 -4.36
CA ALA A 23 0.90 -18.19 -3.52
C ALA A 23 0.00 -17.33 -4.42
N ILE A 24 0.57 -16.86 -5.53
CA ILE A 24 -0.18 -16.06 -6.50
C ILE A 24 -1.30 -16.88 -7.12
N LYS A 25 -0.96 -18.05 -7.64
CA LYS A 25 -1.96 -18.90 -8.29
C LYS A 25 -3.07 -19.33 -7.33
N SER A 26 -2.71 -19.60 -6.08
CA SER A 26 -3.69 -20.04 -5.09
CA SER A 26 -3.68 -20.04 -5.09
C SER A 26 -4.70 -18.94 -4.82
N PHE A 27 -4.24 -17.68 -4.73
CA PHE A 27 -5.16 -16.57 -4.48
C PHE A 27 -6.05 -16.33 -5.70
N GLN A 28 -5.47 -16.46 -6.90
CA GLN A 28 -6.25 -16.33 -8.12
C GLN A 28 -7.37 -17.37 -8.20
N GLU A 29 -7.03 -18.61 -7.88
CA GLU A 29 -8.05 -19.66 -7.77
C GLU A 29 -9.09 -19.27 -6.75
N LEU A 30 -8.63 -18.85 -5.57
CA LEU A 30 -9.53 -18.46 -4.48
C LEU A 30 -10.52 -17.38 -4.88
N GLN A 31 -10.03 -16.26 -5.40
CA GLN A 31 -10.90 -15.13 -5.78
C GLN A 31 -11.61 -15.30 -7.12
N GLY A 32 -11.22 -16.31 -7.91
CA GLY A 32 -11.88 -16.58 -9.19
C GLY A 32 -11.54 -15.62 -10.31
N ARG A 33 -10.37 -15.01 -10.22
CA ARG A 33 -9.99 -13.97 -11.16
C ARG A 33 -8.50 -13.71 -11.07
N LYS A 34 -7.92 -13.30 -12.19
CA LYS A 34 -6.52 -12.90 -12.15
CA LYS A 34 -6.55 -12.80 -12.25
C LYS A 34 -6.28 -11.71 -11.22
N LEU A 35 -5.07 -11.69 -10.63
CA LEU A 35 -4.61 -10.52 -9.90
C LEU A 35 -3.91 -9.57 -10.85
N ASP A 36 -4.40 -8.34 -10.96
CA ASP A 36 -3.69 -7.33 -11.74
C ASP A 36 -2.41 -6.81 -11.06
N ILE A 37 -2.43 -6.78 -9.73
CA ILE A 37 -1.37 -6.23 -8.92
C ILE A 37 -1.11 -7.23 -7.81
N VAL A 38 0.18 -7.52 -7.56
CA VAL A 38 0.59 -8.36 -6.44
C VAL A 38 1.42 -7.49 -5.51
N HIS A 39 1.07 -7.49 -4.22
CA HIS A 39 1.66 -6.64 -3.19
C HIS A 39 2.62 -7.45 -2.35
N GLN A 40 3.81 -6.89 -2.13
CA GLN A 40 4.87 -7.49 -1.35
C GLN A 40 5.41 -6.44 -0.35
N PHE A 41 5.82 -6.86 0.84
CA PHE A 41 6.46 -5.99 1.82
C PHE A 41 7.91 -6.45 1.99
N ILE A 42 8.83 -5.48 1.98
CA ILE A 42 10.23 -5.73 2.33
C ILE A 42 10.72 -4.60 3.25
N ASN A 43 11.87 -4.83 3.90
CA ASN A 43 12.47 -3.83 4.76
C ASN A 43 13.72 -3.21 4.13
N TRP A 44 14.41 -2.36 4.89
CA TRP A 44 15.60 -1.68 4.38
C TRP A 44 16.89 -2.39 4.75
N SER A 45 16.81 -3.69 5.04
CA SER A 45 17.98 -4.58 5.07
C SER A 45 17.78 -5.78 4.12
N THR A 46 16.90 -5.61 3.15
CA THR A 46 16.62 -6.60 2.12
C THR A 46 17.19 -6.11 0.78
N ASP A 47 17.97 -6.98 0.16
N ASP A 47 18.06 -6.89 0.16
CA ASP A 47 18.59 -6.74 -1.12
CA ASP A 47 18.56 -6.52 -1.16
C ASP A 47 17.62 -7.13 -2.24
C ASP A 47 17.67 -7.11 -2.24
N PHE A 48 17.78 -6.53 -3.43
CA PHE A 48 16.91 -6.91 -4.53
C PHE A 48 17.01 -8.39 -4.90
N SER A 49 18.17 -8.99 -4.68
CA SER A 49 18.31 -10.40 -4.99
C SER A 49 17.31 -11.30 -4.24
N TRP A 50 16.92 -10.88 -3.03
CA TRP A 50 15.91 -11.62 -2.27
C TRP A 50 14.50 -11.43 -2.88
N VAL A 51 14.27 -10.24 -3.43
CA VAL A 51 13.02 -9.88 -4.10
C VAL A 51 12.88 -10.57 -5.47
N ARG A 52 13.99 -10.68 -6.20
CA ARG A 52 13.95 -11.15 -7.59
C ARG A 52 13.07 -12.40 -7.84
N PRO A 53 13.24 -13.47 -7.03
CA PRO A 53 12.41 -14.65 -7.36
C PRO A 53 10.92 -14.35 -7.27
N TYR A 54 10.54 -13.48 -6.35
CA TYR A 54 9.14 -13.11 -6.18
C TYR A 54 8.70 -12.21 -7.33
N ALA A 55 9.55 -11.22 -7.64
CA ALA A 55 9.30 -10.34 -8.76
C ALA A 55 9.08 -11.17 -10.03
N ASP A 56 9.96 -12.17 -10.28
CA ASP A 56 9.83 -13.01 -11.48
C ASP A 56 8.48 -13.72 -11.56
N ALA A 57 8.05 -14.25 -10.42
CA ALA A 57 6.75 -14.94 -10.36
C ALA A 57 5.60 -13.99 -10.72
N VAL A 58 5.68 -12.78 -10.18
CA VAL A 58 4.65 -11.76 -10.40
C VAL A 58 4.60 -11.37 -11.88
N TYR A 59 5.75 -11.11 -12.48
CA TYR A 59 5.76 -10.68 -13.89
CA TYR A 59 5.81 -10.70 -13.88
C TYR A 59 5.43 -11.84 -14.81
N ASN A 60 5.86 -13.05 -14.46
CA ASN A 60 5.49 -14.25 -15.25
C ASN A 60 3.97 -14.47 -15.29
N ASN A 61 3.30 -14.10 -14.20
CA ASN A 61 1.85 -14.19 -14.09
C ASN A 61 1.14 -13.06 -14.87
N GLY A 62 1.89 -12.04 -15.32
CA GLY A 62 1.27 -10.92 -16.04
C GLY A 62 0.70 -9.85 -15.10
N SER A 63 1.28 -9.73 -13.91
CA SER A 63 0.84 -8.75 -12.90
C SER A 63 1.89 -7.65 -12.66
N ILE A 64 1.44 -6.54 -12.07
CA ILE A 64 2.33 -5.46 -11.62
C ILE A 64 2.72 -5.78 -10.18
N LEU A 65 4.00 -5.60 -9.87
CA LEU A 65 4.50 -5.78 -8.52
C LEU A 65 4.45 -4.42 -7.84
N MET A 66 3.78 -4.37 -6.70
CA MET A 66 3.82 -3.23 -5.80
C MET A 66 4.56 -3.67 -4.55
N ILE A 67 5.64 -2.95 -4.23
CA ILE A 67 6.47 -3.23 -3.07
C ILE A 67 6.34 -2.11 -2.09
N THR A 68 5.94 -2.44 -0.85
CA THR A 68 5.97 -1.52 0.27
C THR A 68 7.32 -1.74 0.95
N TRP A 69 8.11 -0.66 1.00
CA TRP A 69 9.52 -0.73 1.35
C TRP A 69 9.72 0.00 2.67
N GLU A 70 9.84 -0.78 3.73
CA GLU A 70 9.66 -0.33 5.10
C GLU A 70 11.00 -0.11 5.81
N PRO A 71 11.36 1.16 6.07
CA PRO A 71 12.67 1.41 6.67
C PRO A 71 12.65 1.27 8.20
N TRP A 72 12.40 0.06 8.69
CA TRP A 72 12.58 -0.20 10.12
C TRP A 72 13.99 0.18 10.56
N GLU A 73 14.92 0.10 9.62
CA GLU A 73 16.35 0.21 9.90
C GLU A 73 16.90 1.63 9.80
N TYR A 74 16.11 2.59 9.31
CA TYR A 74 16.58 3.97 9.15
C TYR A 74 15.42 4.92 9.32
N ASN A 75 15.58 5.95 10.16
CA ASN A 75 14.53 6.99 10.31
C ASN A 75 14.67 8.08 9.24
N THR A 76 13.76 9.06 9.22
CA THR A 76 13.78 10.01 8.10
C THR A 76 15.02 10.92 8.14
N VAL A 77 15.52 11.19 9.35
CA VAL A 77 16.73 12.04 9.50
C VAL A 77 17.93 11.34 8.88
N ASP A 78 18.14 10.08 9.27
CA ASP A 78 19.26 9.37 8.71
CA ASP A 78 19.17 9.18 8.71
C ASP A 78 19.11 9.14 7.19
N ILE A 79 17.89 8.95 6.69
CA ILE A 79 17.70 8.82 5.25
C ILE A 79 18.02 10.15 4.54
N LYS A 80 17.40 11.24 5.00
CA LYS A 80 17.58 12.54 4.31
C LYS A 80 19.03 12.99 4.36
N ASN A 81 19.75 12.57 5.42
CA ASN A 81 21.17 12.92 5.59
C ASN A 81 22.14 12.05 4.78
N GLY A 82 21.61 10.99 4.16
CA GLY A 82 22.37 10.17 3.26
C GLY A 82 23.03 8.95 3.86
N LYS A 83 22.66 8.61 5.10
CA LYS A 83 23.31 7.50 5.78
C LYS A 83 22.96 6.12 5.20
N ALA A 84 21.86 6.05 4.42
CA ALA A 84 21.47 4.80 3.77
C ALA A 84 21.80 4.81 2.28
N ASP A 85 22.57 5.80 1.81
CA ASP A 85 22.65 6.03 0.37
C ASP A 85 23.27 4.86 -0.39
N ALA A 86 24.23 4.16 0.18
CA ALA A 86 24.83 3.02 -0.51
C ALA A 86 23.78 1.94 -0.78
N TYR A 87 22.95 1.70 0.22
CA TYR A 87 21.85 0.72 0.14
C TYR A 87 20.77 1.14 -0.85
N ILE A 88 20.39 2.41 -0.81
CA ILE A 88 19.43 2.93 -1.78
C ILE A 88 19.99 2.82 -3.21
N THR A 89 21.25 3.23 -3.38
CA THR A 89 21.87 3.20 -4.70
C THR A 89 21.88 1.80 -5.27
N ARG A 90 22.26 0.83 -4.43
N ARG A 90 22.26 0.80 -4.46
CA ARG A 90 22.30 -0.58 -4.79
CA ARG A 90 22.30 -0.58 -4.96
C ARG A 90 20.94 -1.08 -5.28
C ARG A 90 20.91 -1.05 -5.34
N MET A 91 19.90 -0.75 -4.52
CA MET A 91 18.52 -1.10 -4.88
C MET A 91 18.13 -0.46 -6.21
N ALA A 92 18.45 0.82 -6.40
CA ALA A 92 18.12 1.52 -7.64
C ALA A 92 18.81 0.85 -8.84
N GLN A 93 20.08 0.54 -8.66
CA GLN A 93 20.89 -0.15 -9.67
CA GLN A 93 20.82 -0.12 -9.75
C GLN A 93 20.27 -1.51 -10.05
N ASP A 94 19.87 -2.24 -9.02
CA ASP A 94 19.32 -3.56 -9.23
C ASP A 94 17.94 -3.50 -9.89
N MET A 95 17.13 -2.53 -9.49
CA MET A 95 15.80 -2.41 -10.07
C MET A 95 15.88 -1.92 -11.52
N LYS A 96 16.79 -1.01 -11.81
CA LYS A 96 17.00 -0.58 -13.19
C LYS A 96 17.38 -1.77 -14.06
N ALA A 97 18.37 -2.54 -13.61
CA ALA A 97 18.83 -3.72 -14.34
C ALA A 97 17.69 -4.73 -14.60
N TYR A 98 16.81 -4.88 -13.60
N TYR A 98 16.83 -4.88 -13.59
CA TYR A 98 15.66 -5.77 -13.73
CA TYR A 98 15.66 -5.74 -13.67
C TYR A 98 14.74 -5.28 -14.83
C TYR A 98 14.73 -5.28 -14.80
N GLY A 99 14.56 -3.96 -14.92
CA GLY A 99 13.96 -3.32 -16.08
C GLY A 99 12.44 -3.17 -16.12
N LYS A 100 11.74 -4.06 -15.42
CA LYS A 100 10.29 -4.08 -15.50
C LYS A 100 9.68 -3.04 -14.55
N GLU A 101 8.42 -2.67 -14.83
CA GLU A 101 7.75 -1.62 -14.08
C GLU A 101 7.40 -2.13 -12.70
N ILE A 102 7.92 -1.45 -11.67
CA ILE A 102 7.65 -1.78 -10.27
C ILE A 102 7.04 -0.53 -9.63
N TRP A 103 5.95 -0.73 -8.90
CA TRP A 103 5.37 0.34 -8.08
C TRP A 103 5.94 0.27 -6.65
N LEU A 104 6.63 1.32 -6.23
CA LEU A 104 7.42 1.28 -5.01
C LEU A 104 6.85 2.28 -4.04
N ARG A 105 6.54 1.82 -2.82
CA ARG A 105 5.82 2.58 -1.81
C ARG A 105 6.69 2.64 -0.55
N PRO A 106 7.68 3.56 -0.54
CA PRO A 106 8.55 3.73 0.64
C PRO A 106 7.89 4.58 1.70
N LEU A 107 8.20 4.32 2.97
CA LEU A 107 7.83 5.23 4.04
CA LEU A 107 7.82 5.16 4.10
C LEU A 107 6.31 5.42 4.17
N HIS A 108 5.55 4.32 4.13
CA HIS A 108 4.09 4.39 4.10
C HIS A 108 3.46 4.68 5.46
N GLU A 109 2.17 5.07 5.42
CA GLU A 109 1.37 5.37 6.60
C GLU A 109 2.11 6.32 7.57
N ALA A 110 2.77 7.32 7.00
CA ALA A 110 3.58 8.26 7.83
C ALA A 110 2.72 9.26 8.65
N ASN A 111 1.42 9.30 8.38
CA ASN A 111 0.44 10.07 9.17
C ASN A 111 -0.18 9.24 10.32
N GLY A 112 0.37 8.03 10.56
CA GLY A 112 0.10 7.31 11.80
C GLY A 112 1.21 7.49 12.84
N ASP A 113 1.16 6.70 13.90
CA ASP A 113 2.17 6.77 14.95
C ASP A 113 2.84 5.41 15.23
N TRP A 114 2.62 4.43 14.36
CA TRP A 114 3.11 3.05 14.63
C TRP A 114 4.43 2.67 13.95
N TYR A 115 4.80 3.38 12.89
CA TYR A 115 6.06 3.09 12.21
C TYR A 115 7.13 4.09 12.60
N PRO A 116 8.40 3.64 12.71
CA PRO A 116 9.45 4.52 13.25
C PRO A 116 9.89 5.68 12.34
N TRP A 117 9.36 5.69 11.10
CA TRP A 117 9.61 6.74 10.14
C TRP A 117 8.44 7.72 10.05
N ALA A 118 7.38 7.44 10.79
CA ALA A 118 6.12 8.20 10.72
C ALA A 118 6.23 9.50 11.52
N ILE A 119 5.48 10.51 11.09
CA ILE A 119 5.48 11.81 11.75
CA ILE A 119 5.49 11.81 11.76
C ILE A 119 4.93 11.69 13.17
N GLY A 120 3.92 10.84 13.34
CA GLY A 120 3.29 10.66 14.65
C GLY A 120 4.08 9.79 15.63
N TYR A 121 5.13 9.16 15.15
CA TYR A 121 5.92 8.24 15.98
C TYR A 121 6.48 8.99 17.20
N SER A 122 6.37 8.33 18.36
CA SER A 122 6.59 8.98 19.66
C SER A 122 8.02 9.41 19.95
N SER A 123 8.98 8.99 19.12
CA SER A 123 10.38 9.50 19.19
C SER A 123 10.50 10.98 18.84
N ARG A 124 9.52 11.51 18.11
CA ARG A 124 9.51 12.89 17.64
C ARG A 124 10.57 13.24 16.57
N VAL A 125 11.31 12.23 16.07
CA VAL A 125 12.40 12.42 15.09
CA VAL A 125 12.41 12.50 15.11
C VAL A 125 11.92 12.88 13.70
N ASN A 126 10.69 12.47 13.33
CA ASN A 126 10.20 12.69 11.99
C ASN A 126 9.25 13.88 11.88
N THR A 127 9.60 14.84 11.02
CA THR A 127 8.77 16.02 10.74
C THR A 127 8.32 16.02 9.28
N ASN A 128 7.38 16.91 8.92
CA ASN A 128 7.05 17.08 7.50
C ASN A 128 8.32 17.26 6.67
N GLU A 129 9.22 18.10 7.19
CA GLU A 129 10.42 18.48 6.45
C GLU A 129 11.39 17.32 6.27
N THR A 130 11.64 16.57 7.35
CA THR A 130 12.57 15.43 7.26
C THR A 130 11.96 14.35 6.38
N TYR A 131 10.66 14.15 6.50
CA TYR A 131 9.96 13.14 5.67
C TYR A 131 10.09 13.47 4.17
N ILE A 132 9.69 14.68 3.81
CA ILE A 132 9.75 15.10 2.42
C ILE A 132 11.19 15.02 1.89
N ALA A 133 12.15 15.50 2.67
CA ALA A 133 13.57 15.44 2.28
C ALA A 133 14.03 13.98 2.05
N ALA A 134 13.59 13.08 2.92
CA ALA A 134 13.94 11.66 2.77
C ALA A 134 13.32 11.03 1.50
N PHE A 135 12.03 11.29 1.30
CA PHE A 135 11.32 10.75 0.12
C PHE A 135 11.97 11.25 -1.17
N ARG A 136 12.23 12.57 -1.23
CA ARG A 136 12.82 13.17 -2.41
C ARG A 136 14.22 12.62 -2.66
N HIS A 137 14.96 12.40 -1.57
CA HIS A 137 16.31 11.87 -1.68
C HIS A 137 16.32 10.47 -2.33
N ILE A 138 15.41 9.61 -1.87
CA ILE A 138 15.26 8.27 -2.46
C ILE A 138 14.98 8.34 -3.97
N VAL A 139 13.97 9.12 -4.32
CA VAL A 139 13.59 9.28 -5.72
C VAL A 139 14.75 9.84 -6.53
N ASP A 140 15.46 10.86 -5.98
CA ASP A 140 16.62 11.44 -6.68
C ASP A 140 17.66 10.35 -7.02
N ILE A 141 18.02 9.54 -6.03
CA ILE A 141 19.00 8.47 -6.25
C ILE A 141 18.52 7.46 -7.30
N PHE A 142 17.26 7.02 -7.23
CA PHE A 142 16.74 6.16 -8.28
C PHE A 142 16.86 6.77 -9.67
N ARG A 143 16.49 8.04 -9.81
CA ARG A 143 16.55 8.69 -11.10
C ARG A 143 18.00 8.84 -11.58
N ALA A 144 18.92 9.11 -10.66
CA ALA A 144 20.35 9.20 -11.03
C ALA A 144 20.92 7.87 -11.57
N ASN A 145 20.29 6.77 -11.19
CA ASN A 145 20.72 5.46 -11.63
C ASN A 145 19.83 4.88 -12.71
N GLY A 146 19.01 5.74 -13.30
CA GLY A 146 18.24 5.41 -14.52
C GLY A 146 17.03 4.52 -14.24
N ALA A 147 16.62 4.41 -12.99
CA ALA A 147 15.52 3.51 -12.60
C ALA A 147 14.15 4.15 -12.85
N THR A 148 13.91 4.56 -14.09
CA THR A 148 12.67 5.24 -14.43
C THR A 148 11.50 4.28 -14.57
N ASN A 149 11.80 2.98 -14.56
CA ASN A 149 10.80 1.91 -14.52
C ASN A 149 10.10 1.81 -13.15
N VAL A 150 10.68 2.47 -12.15
CA VAL A 150 10.16 2.45 -10.80
C VAL A 150 9.20 3.63 -10.64
N LYS A 151 7.93 3.30 -10.34
CA LYS A 151 6.90 4.31 -10.15
C LYS A 151 6.68 4.54 -8.64
N TRP A 152 6.58 5.81 -8.24
CA TRP A 152 6.56 6.18 -6.83
C TRP A 152 5.18 6.36 -6.28
N VAL A 153 4.89 5.65 -5.18
CA VAL A 153 3.57 5.67 -4.59
C VAL A 153 3.62 6.37 -3.23
N PHE A 154 2.99 7.54 -3.15
CA PHE A 154 2.76 8.27 -1.90
C PHE A 154 1.60 7.58 -1.18
N ASN A 155 1.57 7.66 0.14
CA ASN A 155 0.55 6.98 0.90
C ASN A 155 0.11 7.75 2.12
N VAL A 156 -1.16 7.63 2.44
CA VAL A 156 -1.65 8.05 3.74
C VAL A 156 -2.45 6.90 4.35
N ASN A 157 -2.40 6.80 5.68
CA ASN A 157 -3.39 6.04 6.41
C ASN A 157 -4.76 6.76 6.34
N CYS A 158 -5.83 5.98 6.43
CA CYS A 158 -7.18 6.54 6.38
C CYS A 158 -7.42 7.59 7.48
N ASP A 159 -6.81 7.37 8.64
CA ASP A 159 -6.89 8.28 9.78
C ASP A 159 -5.49 8.81 10.15
N ASN A 160 -5.44 10.10 10.48
CA ASN A 160 -4.28 10.67 11.11
C ASN A 160 -4.26 10.24 12.58
N VAL A 161 -3.17 9.59 12.98
CA VAL A 161 -3.02 9.09 14.34
C VAL A 161 -1.68 9.56 14.90
N GLY A 162 -1.72 10.26 16.03
CA GLY A 162 -0.50 10.73 16.65
C GLY A 162 -0.28 12.21 16.42
N ASN A 163 0.67 12.77 17.15
CA ASN A 163 0.88 14.21 17.08
C ASN A 163 1.49 14.65 15.74
N GLY A 164 0.95 15.74 15.19
CA GLY A 164 1.53 16.38 14.03
C GLY A 164 1.15 15.78 12.69
N THR A 165 0.29 14.77 12.72
CA THR A 165 -0.04 14.00 11.53
C THR A 165 -1.12 14.68 10.67
N SER A 166 -1.00 14.54 9.34
CA SER A 166 -1.96 15.09 8.40
C SER A 166 -1.89 14.36 7.09
N TYR A 167 -2.90 14.55 6.24
CA TYR A 167 -2.91 13.84 4.97
C TYR A 167 -1.88 14.41 4.01
N LEU A 168 -1.64 15.73 4.02
CA LEU A 168 -0.81 16.36 2.99
C LEU A 168 0.43 17.13 3.48
N GLY A 169 0.59 17.24 4.80
CA GLY A 169 1.75 17.95 5.31
C GLY A 169 3.07 17.34 4.85
N HIS A 170 3.06 16.01 4.71
CA HIS A 170 4.26 15.27 4.33
C HIS A 170 4.32 14.96 2.83
N TYR A 171 3.44 15.55 2.04
CA TYR A 171 3.40 15.26 0.62
C TYR A 171 4.65 15.80 -0.06
N PRO A 172 5.40 14.93 -0.76
CA PRO A 172 6.71 15.34 -1.27
C PRO A 172 6.66 16.03 -2.64
N GLY A 173 5.46 16.19 -3.18
CA GLY A 173 5.28 16.95 -4.40
C GLY A 173 5.09 16.14 -5.66
N ASP A 174 4.30 16.70 -6.59
CA ASP A 174 3.95 16.02 -7.81
C ASP A 174 5.14 15.56 -8.65
N ASN A 175 6.25 16.27 -8.56
CA ASN A 175 7.45 15.90 -9.30
C ASN A 175 8.15 14.65 -8.75
N TYR A 176 7.72 14.15 -7.59
CA TYR A 176 8.34 12.97 -6.96
C TYR A 176 7.34 11.82 -6.77
N VAL A 177 6.16 11.96 -7.35
CA VAL A 177 5.08 11.02 -7.12
C VAL A 177 4.37 10.61 -8.40
N ASP A 178 4.13 9.31 -8.57
CA ASP A 178 3.35 8.82 -9.71
C ASP A 178 1.92 8.45 -9.34
N TYR A 179 1.74 7.88 -8.14
CA TYR A 179 0.43 7.48 -7.62
C TYR A 179 0.33 7.94 -6.18
N THR A 180 -0.87 8.30 -5.75
CA THR A 180 -1.13 8.40 -4.30
C THR A 180 -1.94 7.17 -3.88
N SER A 181 -2.07 6.97 -2.58
CA SER A 181 -2.69 5.76 -2.11
C SER A 181 -3.23 5.95 -0.70
N ILE A 182 -4.19 5.09 -0.32
CA ILE A 182 -4.77 5.14 1.04
C ILE A 182 -4.78 3.70 1.57
N ASP A 183 -4.46 3.54 2.85
CA ASP A 183 -4.67 2.29 3.57
C ASP A 183 -5.75 2.46 4.62
N GLY A 184 -6.53 1.42 4.82
CA GLY A 184 -7.53 1.48 5.90
C GLY A 184 -8.28 0.18 6.08
N TYR A 185 -8.74 -0.04 7.31
CA TYR A 185 -9.41 -1.26 7.68
C TYR A 185 -10.69 -0.95 8.41
N ASN A 186 -11.68 -1.81 8.19
CA ASN A 186 -12.83 -1.89 9.07
C ASN A 186 -12.49 -2.91 10.15
N TRP A 187 -12.14 -2.42 11.34
CA TRP A 187 -11.75 -3.28 12.45
C TRP A 187 -12.97 -3.91 13.15
N GLY A 188 -14.18 -3.51 12.81
CA GLY A 188 -15.34 -4.02 13.51
C GLY A 188 -15.17 -3.71 14.99
N THR A 189 -15.62 -4.64 15.83
CA THR A 189 -15.55 -4.47 17.27
C THR A 189 -14.39 -5.27 17.87
N THR A 190 -13.32 -5.47 17.10
CA THR A 190 -12.26 -6.39 17.48
C THR A 190 -11.19 -5.81 18.38
N GLN A 191 -11.06 -4.48 18.45
CA GLN A 191 -9.93 -3.87 19.16
C GLN A 191 -10.33 -3.28 20.50
N SER A 192 -9.43 -3.43 21.46
CA SER A 192 -9.69 -3.03 22.85
C SER A 192 -9.67 -1.53 23.05
N TRP A 193 -9.14 -0.78 22.07
CA TRP A 193 -9.28 0.68 22.07
C TRP A 193 -10.71 1.14 21.69
N GLY A 194 -11.64 0.21 21.52
CA GLY A 194 -13.05 0.54 21.26
C GLY A 194 -13.30 0.77 19.79
N SER A 195 -12.69 -0.05 18.96
CA SER A 195 -12.94 0.05 17.52
C SER A 195 -14.43 -0.20 17.30
N GLN A 196 -14.97 0.39 16.22
CA GLN A 196 -16.36 0.19 15.84
C GLN A 196 -16.43 -0.19 14.36
N TRP A 197 -17.53 -0.84 13.99
CA TRP A 197 -17.82 -1.16 12.59
C TRP A 197 -17.92 0.14 11.79
N GLN A 198 -17.16 0.25 10.70
N GLN A 198 -17.23 0.18 10.67
CA GLN A 198 -17.18 1.40 9.81
CA GLN A 198 -17.17 1.35 9.79
C GLN A 198 -17.37 0.90 8.37
C GLN A 198 -17.37 0.89 8.36
N SER A 199 -18.25 1.56 7.63
CA SER A 199 -18.40 1.29 6.19
C SER A 199 -17.10 1.68 5.46
N PHE A 200 -16.93 1.17 4.24
CA PHE A 200 -15.82 1.63 3.40
C PHE A 200 -15.77 3.16 3.33
N ASP A 201 -16.93 3.78 3.13
N ASP A 201 -16.93 3.81 3.10
CA ASP A 201 -17.00 5.23 3.01
CA ASP A 201 -16.97 5.28 3.05
C ASP A 201 -16.56 5.95 4.30
C ASP A 201 -16.47 5.92 4.33
N GLN A 202 -16.94 5.41 5.45
CA GLN A 202 -16.58 5.97 6.73
C GLN A 202 -15.08 5.85 6.95
N VAL A 203 -14.49 4.74 6.48
CA VAL A 203 -13.05 4.56 6.59
C VAL A 203 -12.29 5.51 5.66
N PHE A 204 -12.69 5.62 4.39
CA PHE A 204 -11.82 6.18 3.34
C PHE A 204 -12.15 7.57 2.78
N SER A 205 -13.36 8.06 3.02
CA SER A 205 -13.83 9.28 2.32
CA SER A 205 -13.80 9.27 2.30
C SER A 205 -12.97 10.50 2.67
N ARG A 206 -12.63 10.67 3.93
CA ARG A 206 -11.87 11.88 4.33
C ARG A 206 -10.49 11.91 3.67
N ALA A 207 -9.81 10.77 3.67
CA ALA A 207 -8.49 10.71 3.05
C ALA A 207 -8.58 10.90 1.54
N TYR A 208 -9.59 10.27 0.94
CA TYR A 208 -9.83 10.42 -0.50
C TYR A 208 -10.06 11.89 -0.88
N GLN A 209 -10.86 12.59 -0.08
CA GLN A 209 -11.13 14.01 -0.31
C GLN A 209 -9.83 14.81 -0.36
N ALA A 210 -8.91 14.51 0.56
CA ALA A 210 -7.59 15.15 0.53
C ALA A 210 -6.81 14.80 -0.73
N LEU A 211 -6.70 13.51 -1.05
CA LEU A 211 -5.87 13.09 -2.18
C LEU A 211 -6.46 13.51 -3.53
N ALA A 212 -7.79 13.65 -3.60
CA ALA A 212 -8.46 14.06 -4.83
C ALA A 212 -8.04 15.48 -5.26
N SER A 213 -7.46 16.25 -4.34
CA SER A 213 -6.84 17.56 -4.65
C SER A 213 -5.47 17.50 -5.36
N ILE A 214 -4.94 16.30 -5.53
N ILE A 214 -4.91 16.30 -5.48
CA ILE A 214 -3.68 16.09 -6.22
CA ILE A 214 -3.65 16.06 -6.19
C ILE A 214 -3.97 15.36 -7.53
C ILE A 214 -3.99 15.37 -7.53
N ASN A 215 -3.41 15.86 -8.63
CA ASN A 215 -3.64 15.26 -9.96
C ASN A 215 -2.71 14.05 -10.19
N LYS A 216 -2.91 13.02 -9.37
CA LYS A 216 -2.31 11.71 -9.54
C LYS A 216 -3.41 10.67 -9.29
N PRO A 217 -3.31 9.53 -9.98
CA PRO A 217 -4.25 8.48 -9.72
C PRO A 217 -4.07 7.90 -8.33
N ILE A 218 -5.15 7.34 -7.80
CA ILE A 218 -5.19 6.84 -6.43
C ILE A 218 -5.36 5.31 -6.36
N ILE A 219 -4.53 4.68 -5.52
CA ILE A 219 -4.61 3.26 -5.22
C ILE A 219 -5.14 3.05 -3.79
N ILE A 220 -6.09 2.13 -3.62
CA ILE A 220 -6.43 1.67 -2.28
C ILE A 220 -5.40 0.54 -2.08
N ALA A 221 -4.30 0.89 -1.40
CA ALA A 221 -3.13 0.01 -1.35
C ALA A 221 -3.29 -1.11 -0.32
N GLU A 222 -4.07 -0.86 0.72
CA GLU A 222 -4.43 -1.89 1.69
C GLU A 222 -5.84 -1.64 2.16
N PHE A 223 -6.68 -2.66 2.07
CA PHE A 223 -7.98 -2.57 2.76
C PHE A 223 -8.49 -3.95 3.06
N ALA A 224 -9.32 -4.04 4.09
CA ALA A 224 -9.98 -5.25 4.45
C ALA A 224 -10.99 -4.95 5.53
N SER A 225 -11.82 -5.95 5.87
CA SER A 225 -12.79 -5.83 6.95
C SER A 225 -12.74 -7.06 7.83
N ALA A 226 -12.97 -6.86 9.13
CA ALA A 226 -13.20 -7.93 10.08
C ALA A 226 -14.58 -8.57 9.85
N GLU A 227 -14.81 -9.76 10.40
CA GLU A 227 -16.14 -10.41 10.40
C GLU A 227 -17.04 -9.92 11.53
N ILE A 228 -16.44 -9.55 12.66
CA ILE A 228 -17.24 -9.38 13.88
C ILE A 228 -17.62 -7.92 14.12
N GLY A 229 -18.90 -7.69 14.40
CA GLY A 229 -19.44 -6.34 14.57
C GLY A 229 -20.40 -5.94 13.48
N GLY A 230 -20.55 -6.78 12.48
CA GLY A 230 -21.37 -6.46 11.29
C GLY A 230 -21.30 -7.57 10.26
N ASN A 231 -21.80 -7.29 9.05
CA ASN A 231 -21.86 -8.27 7.98
C ASN A 231 -20.75 -7.99 6.97
N LYS A 232 -19.70 -8.79 7.02
CA LYS A 232 -18.54 -8.57 6.14
C LYS A 232 -18.88 -8.78 4.67
N ALA A 233 -19.73 -9.77 4.37
CA ALA A 233 -20.15 -10.02 3.00
C ALA A 233 -20.78 -8.72 2.41
N ARG A 234 -21.71 -8.12 3.16
CA ARG A 234 -22.36 -6.92 2.68
C ARG A 234 -21.34 -5.78 2.56
N TRP A 235 -20.42 -5.71 3.53
CA TRP A 235 -19.37 -4.69 3.52
C TRP A 235 -18.56 -4.74 2.22
N ILE A 236 -18.21 -5.94 1.82
CA ILE A 236 -17.42 -6.15 0.64
C ILE A 236 -18.18 -5.71 -0.61
N THR A 237 -19.43 -6.14 -0.71
CA THR A 237 -20.28 -5.74 -1.82
C THR A 237 -20.35 -4.21 -1.90
N GLU A 238 -20.64 -3.58 -0.77
CA GLU A 238 -20.81 -2.12 -0.74
C GLU A 238 -19.49 -1.38 -0.99
N ALA A 239 -18.38 -1.96 -0.55
CA ALA A 239 -17.08 -1.31 -0.73
C ALA A 239 -16.73 -1.18 -2.20
N TYR A 240 -16.84 -2.27 -2.94
CA TYR A 240 -16.51 -2.21 -4.37
C TYR A 240 -17.53 -1.35 -5.12
N ASN A 241 -18.80 -1.40 -4.73
CA ASN A 241 -19.80 -0.51 -5.33
C ASN A 241 -19.41 0.95 -5.09
N SER A 242 -19.05 1.27 -3.85
CA SER A 242 -18.64 2.62 -3.49
C SER A 242 -17.45 3.06 -4.32
N ILE A 243 -16.43 2.21 -4.41
CA ILE A 243 -15.23 2.58 -5.19
C ILE A 243 -15.60 2.97 -6.62
N ARG A 244 -16.46 2.17 -7.23
N ARG A 244 -16.43 2.15 -7.25
CA ARG A 244 -16.84 2.38 -8.63
CA ARG A 244 -16.80 2.42 -8.64
C ARG A 244 -17.85 3.50 -8.83
C ARG A 244 -17.71 3.64 -8.77
N THR A 245 -18.56 3.86 -7.77
CA THR A 245 -19.61 4.88 -7.89
CA THR A 245 -19.62 4.87 -7.87
C THR A 245 -19.16 6.27 -7.49
N SER A 246 -18.31 6.36 -6.46
CA SER A 246 -18.01 7.60 -5.78
CA SER A 246 -17.98 7.66 -5.90
C SER A 246 -16.51 7.88 -5.58
N TYR A 247 -15.64 6.95 -5.98
CA TYR A 247 -14.18 7.15 -5.84
C TYR A 247 -13.57 7.11 -7.23
N ASN A 248 -13.99 8.04 -8.08
CA ASN A 248 -13.65 8.03 -9.51
C ASN A 248 -12.16 8.07 -9.81
N LYS A 249 -11.35 8.64 -8.91
CA LYS A 249 -9.91 8.75 -9.14
C LYS A 249 -9.15 7.50 -8.71
N VAL A 250 -9.83 6.59 -8.00
CA VAL A 250 -9.20 5.31 -7.61
C VAL A 250 -9.08 4.37 -8.83
N ILE A 251 -7.87 3.89 -9.11
CA ILE A 251 -7.63 3.01 -10.26
C ILE A 251 -7.33 1.55 -9.88
N ALA A 252 -7.14 1.29 -8.59
CA ALA A 252 -6.77 -0.02 -8.10
C ALA A 252 -7.26 -0.22 -6.66
N ALA A 253 -7.72 -1.43 -6.38
CA ALA A 253 -8.13 -1.86 -5.03
C ALA A 253 -7.31 -3.09 -4.68
N VAL A 254 -6.49 -2.98 -3.63
CA VAL A 254 -5.57 -4.00 -3.23
C VAL A 254 -5.93 -4.48 -1.82
N TRP A 255 -6.52 -5.67 -1.75
CA TRP A 255 -6.93 -6.24 -0.47
C TRP A 255 -5.70 -6.67 0.33
N PHE A 256 -5.87 -6.71 1.65
CA PHE A 256 -4.87 -7.20 2.57
C PHE A 256 -5.36 -8.54 3.13
N HIS A 257 -4.91 -9.64 2.52
CA HIS A 257 -5.45 -10.98 2.80
C HIS A 257 -4.50 -11.69 3.74
N GLU A 258 -4.79 -11.61 5.03
CA GLU A 258 -3.94 -12.20 6.04
C GLU A 258 -4.77 -12.43 7.27
N ASN A 259 -4.53 -13.56 7.91
CA ASN A 259 -5.17 -13.87 9.15
C ASN A 259 -4.22 -13.41 10.24
N LYS A 260 -4.43 -12.17 10.70
CA LYS A 260 -3.41 -11.43 11.46
C LYS A 260 -3.99 -10.85 12.77
N GLU A 261 -4.17 -9.53 12.88
CA GLU A 261 -4.82 -8.92 14.07
C GLU A 261 -6.18 -9.57 14.23
N THR A 262 -6.86 -9.72 13.10
CA THR A 262 -8.09 -10.45 13.00
C THR A 262 -8.06 -11.08 11.62
N ASP A 263 -9.12 -11.78 11.29
CA ASP A 263 -9.15 -12.50 10.06
C ASP A 263 -9.61 -11.56 8.95
N TRP A 264 -8.61 -10.89 8.36
CA TRP A 264 -8.83 -10.01 7.20
C TRP A 264 -9.12 -10.76 5.90
N ARG A 265 -8.84 -12.06 5.88
CA ARG A 265 -8.90 -12.83 4.65
C ARG A 265 -10.24 -12.70 3.94
N ILE A 266 -10.20 -12.75 2.61
CA ILE A 266 -11.41 -12.78 1.82
C ILE A 266 -12.24 -14.05 2.09
N ASN A 267 -11.60 -15.10 2.62
CA ASN A 267 -12.30 -16.34 2.95
C ASN A 267 -12.35 -16.57 4.45
N SER A 268 -12.50 -15.50 5.21
CA SER A 268 -12.72 -15.55 6.65
C SER A 268 -14.07 -16.23 6.96
N SER A 269 -14.98 -16.20 5.99
CA SER A 269 -16.24 -16.96 6.01
C SER A 269 -16.64 -17.28 4.57
N PRO A 270 -17.48 -18.32 4.36
CA PRO A 270 -17.93 -18.60 3.01
C PRO A 270 -18.72 -17.44 2.40
N GLY A 271 -19.49 -16.73 3.21
CA GLY A 271 -20.29 -15.61 2.77
C GLY A 271 -19.40 -14.48 2.26
N ALA A 272 -18.35 -14.18 3.02
CA ALA A 272 -17.43 -13.13 2.63
C ALA A 272 -16.76 -13.51 1.29
N LEU A 273 -16.37 -14.76 1.16
CA LEU A 273 -15.70 -15.19 -0.06
C LEU A 273 -16.63 -15.04 -1.24
N ALA A 274 -17.87 -15.51 -1.08
CA ALA A 274 -18.87 -15.43 -2.17
C ALA A 274 -19.07 -13.97 -2.58
N ALA A 275 -19.16 -13.09 -1.58
CA ALA A 275 -19.36 -11.65 -1.85
C ALA A 275 -18.13 -11.06 -2.58
N TYR A 276 -16.93 -11.47 -2.17
CA TYR A 276 -15.69 -10.96 -2.75
C TYR A 276 -15.57 -11.38 -4.22
N ARG A 277 -15.81 -12.66 -4.46
CA ARG A 277 -15.77 -13.18 -5.83
C ARG A 277 -16.68 -12.43 -6.77
N GLU A 278 -17.90 -12.13 -6.33
N GLU A 278 -17.90 -12.12 -6.30
CA GLU A 278 -18.82 -11.38 -7.19
CA GLU A 278 -18.87 -11.40 -7.10
C GLU A 278 -18.45 -9.90 -7.29
C GLU A 278 -18.51 -9.91 -7.24
N ALA A 279 -17.91 -9.34 -6.21
CA ALA A 279 -17.64 -7.90 -6.15
C ALA A 279 -16.57 -7.47 -7.12
N ILE A 280 -15.53 -8.28 -7.28
CA ILE A 280 -14.35 -7.86 -8.01
C ILE A 280 -14.58 -7.86 -9.52
N GLY A 281 -15.53 -8.68 -9.95
CA GLY A 281 -16.02 -8.67 -11.35
C GLY A 281 -15.02 -9.25 -12.33
N ALA A 282 -15.23 -8.93 -13.61
CA ALA A 282 -14.18 -9.07 -14.64
C ALA A 282 -13.46 -10.41 -14.72
C2 BGC B . -6.88 3.91 12.64
C3 BGC B . -5.99 2.68 12.55
C4 BGC B . -5.04 2.51 13.74
C5 BGC B . -5.71 2.88 15.08
C6 BGC B . -4.70 3.11 16.20
C1 BGC B . -7.52 4.03 14.02
O1 BGC B . -8.30 5.22 14.16
O2 BGC B . -7.83 3.81 11.60
O3 BGC B . -5.29 2.81 11.33
O4 BGC B . -4.50 1.20 13.82
O5 BGC B . -6.48 4.06 14.99
O6 BGC B . -3.72 2.08 16.19
C2 BGC B . -2.56 -0.24 13.37
C3 BGC B . -1.46 -0.54 12.36
C4 BGC B . -2.03 -0.78 10.98
C5 BGC B . -2.90 0.42 10.60
C6 BGC B . -3.56 0.30 9.22
C1 BGC B . -3.42 0.92 12.89
O2 BGC B . -1.97 0.13 14.60
O3 BGC B . -0.59 -1.62 12.69
O4 BGC B . -0.93 -0.88 10.11
O5 BGC B . -3.89 0.63 11.59
O6 BGC B . -4.60 1.26 9.15
C1 MGL C . 2.21 -4.87 7.68
C2 MGL C . 3.64 -4.73 8.23
C3 MGL C . 4.65 -5.47 7.36
C4 MGL C . 4.15 -6.88 7.03
C5 MGL C . 2.74 -6.84 6.41
C6 MGL C . 2.25 -8.23 6.02
C7 MGL C . -0.04 -4.10 7.33
O1 MGL C . 1.22 -3.89 7.97
O2 MGL C . 4.01 -3.36 8.40
O3 MGL C . 5.91 -5.54 8.07
O4 MGL C . 4.96 -7.57 6.06
O5 MGL C . 1.82 -6.21 7.33
O6 MGL C . 2.09 -9.01 7.21
C1 SGC C . 6.21 -8.09 6.41
C2 SGC C . 6.35 -9.40 5.67
O2 SGC C . 5.38 -10.33 6.18
C3 SGC C . 7.76 -9.93 5.85
O3 SGC C . 7.96 -11.14 5.10
C4 SGC C . 8.76 -8.85 5.41
C5 SGC C . 8.51 -7.56 6.21
O5 SGC C . 7.19 -7.16 5.93
C6 SGC C . 9.49 -6.45 5.84
O6 SGC C . 9.37 -5.34 6.71
S4 SGC C . 10.42 -9.39 5.72
#